data_6R82
#
_entry.id   6R82
#
_cell.length_a   89.483
_cell.length_b   89.483
_cell.length_c   135.069
_cell.angle_alpha   90.00
_cell.angle_beta   90.00
_cell.angle_gamma   90.00
#
_symmetry.space_group_name_H-M   'P 43 21 2'
#
loop_
_entity.id
_entity.type
_entity.pdbx_description
1 polymer 'GTPase-activating protein skywalker'
2 water water
#
_entity_poly.entity_id   1
_entity_poly.type   'polypeptide(L)'
_entity_poly.pdbx_seq_one_letter_code
;GTKNFIKTWTDRQFLFTLWSWLPVRITMYQPVLLYTTEEHGCSLTTFYVRVEQHEPTLLMIKTCNNEVFGAYCSSRWFER
NVKDDKGQRQAYFGTGETFLFSLYPERAKYPWVGIEGDKDLGHSSELFMAADSKMITIGGGEGQAIWMDENIRFGKTDSC
KTFNNPPLCPSGDFEIRVLEVYGFVGI
;
_entity_poly.pdbx_strand_id   A,B
#
# COMPACT_ATOMS: atom_id res chain seq x y z
N LYS A 3 -19.41 0.80 -10.06
CA LYS A 3 -20.63 1.60 -10.19
C LYS A 3 -21.68 1.11 -9.18
N ASN A 4 -22.82 0.66 -9.70
CA ASN A 4 -23.94 0.25 -8.86
C ASN A 4 -23.61 -1.08 -8.16
N PHE A 5 -24.56 -1.55 -7.32
CA PHE A 5 -24.31 -2.74 -6.53
C PHE A 5 -24.11 -3.98 -7.40
N ILE A 6 -24.95 -4.15 -8.43
CA ILE A 6 -24.88 -5.38 -9.24
C ILE A 6 -23.54 -5.48 -9.95
N LYS A 7 -23.10 -4.39 -10.59
CA LYS A 7 -21.83 -4.42 -11.32
C LYS A 7 -20.65 -4.62 -10.37
N THR A 8 -20.67 -3.95 -9.22
CA THR A 8 -19.62 -4.12 -8.23
C THR A 8 -19.53 -5.57 -7.77
N TRP A 9 -20.68 -6.17 -7.44
CA TRP A 9 -20.68 -7.58 -7.03
C TRP A 9 -20.17 -8.46 -8.16
N THR A 10 -20.66 -8.24 -9.39
CA THR A 10 -20.30 -9.13 -10.49
C THR A 10 -18.80 -9.11 -10.76
N ASP A 11 -18.18 -7.92 -10.72
CA ASP A 11 -16.78 -7.79 -11.08
C ASP A 11 -15.83 -8.33 -10.01
N ARG A 12 -16.31 -8.50 -8.77
CA ARG A 12 -15.48 -8.88 -7.64
C ARG A 12 -16.13 -9.98 -6.84
N GLN A 13 -16.68 -10.99 -7.53
CA GLN A 13 -17.47 -12.02 -6.86
C GLN A 13 -16.64 -12.79 -5.85
N PHE A 14 -15.38 -13.06 -6.17
CA PHE A 14 -14.58 -13.88 -5.27
C PHE A 14 -14.34 -13.17 -3.94
N LEU A 15 -14.16 -11.84 -3.97
CA LEU A 15 -14.00 -11.09 -2.72
C LEU A 15 -15.24 -11.18 -1.85
N PHE A 16 -16.43 -11.02 -2.46
CA PHE A 16 -17.67 -11.07 -1.69
C PHE A 16 -17.91 -12.44 -1.11
N THR A 17 -17.48 -13.50 -1.83
CA THR A 17 -17.56 -14.86 -1.30
C THR A 17 -16.65 -15.04 -0.11
N LEU A 18 -15.45 -14.45 -0.15
CA LEU A 18 -14.46 -14.60 0.91
C LEU A 18 -14.73 -13.69 2.11
N TRP A 19 -15.57 -12.66 1.96
CA TRP A 19 -15.56 -11.55 2.90
C TRP A 19 -15.76 -12.00 4.34
N SER A 20 -16.68 -12.94 4.58
CA SER A 20 -16.95 -13.35 5.95
C SER A 20 -15.84 -14.18 6.57
N TRP A 21 -14.84 -14.63 5.79
CA TRP A 21 -13.72 -15.35 6.40
C TRP A 21 -12.62 -14.45 6.94
N LEU A 22 -12.61 -13.16 6.58
CA LEU A 22 -11.56 -12.26 7.04
C LEU A 22 -11.72 -11.99 8.53
N PRO A 23 -10.66 -11.56 9.21
CA PRO A 23 -10.82 -11.10 10.60
C PRO A 23 -11.87 -10.00 10.68
N VAL A 24 -12.67 -10.03 11.73
CA VAL A 24 -13.88 -9.21 11.76
C VAL A 24 -13.54 -7.72 11.62
N ARG A 25 -12.43 -7.26 12.21
CA ARG A 25 -12.12 -5.84 12.11
C ARG A 25 -11.77 -5.43 10.68
N ILE A 26 -11.27 -6.36 9.87
CA ILE A 26 -10.86 -6.05 8.51
C ILE A 26 -12.07 -5.85 7.60
N THR A 27 -13.21 -6.48 7.91
CA THR A 27 -14.39 -6.39 7.06
C THR A 27 -14.96 -4.98 6.96
N MET A 28 -14.52 -4.06 7.82
CA MET A 28 -14.99 -2.67 7.78
C MET A 28 -14.14 -1.78 6.89
N TYR A 29 -13.11 -2.31 6.26
CA TYR A 29 -12.23 -1.56 5.38
C TYR A 29 -12.57 -1.83 3.90
N GLN A 30 -12.02 -0.97 3.01
CA GLN A 30 -12.31 -1.11 1.58
C GLN A 30 -11.18 -1.89 0.90
N PRO A 31 -11.49 -2.94 0.16
CA PRO A 31 -10.43 -3.69 -0.53
C PRO A 31 -10.05 -2.97 -1.81
N VAL A 32 -8.75 -2.92 -2.09
CA VAL A 32 -8.23 -2.25 -3.27
C VAL A 32 -7.24 -3.19 -3.93
N LEU A 33 -7.26 -3.21 -5.26
CA LEU A 33 -6.39 -4.07 -6.05
C LEU A 33 -4.98 -3.48 -6.08
N LEU A 34 -4.01 -4.20 -5.52
CA LEU A 34 -2.61 -3.73 -5.51
C LEU A 34 -1.81 -4.20 -6.71
N TYR A 35 -2.10 -5.39 -7.23
CA TYR A 35 -1.25 -6.04 -8.22
C TYR A 35 -2.08 -7.07 -8.96
N THR A 36 -1.97 -7.08 -10.29
CA THR A 36 -2.54 -8.14 -11.09
C THR A 36 -1.61 -8.49 -12.24
N THR A 37 -1.44 -9.79 -12.48
CA THR A 37 -0.61 -10.25 -13.59
C THR A 37 -1.20 -9.90 -14.94
N GLU A 38 -2.49 -9.54 -14.98
CA GLU A 38 -3.11 -9.10 -16.22
C GLU A 38 -2.66 -7.72 -16.66
N GLU A 39 -2.11 -6.89 -15.75
CA GLU A 39 -1.78 -5.51 -16.08
C GLU A 39 -0.41 -5.02 -15.66
N HIS A 40 0.27 -5.67 -14.69
CA HIS A 40 1.35 -5.01 -13.98
C HIS A 40 2.70 -5.65 -14.18
N GLY A 41 2.85 -6.50 -15.18
CA GLY A 41 4.04 -7.31 -15.28
C GLY A 41 3.78 -8.66 -14.65
N CYS A 42 4.79 -9.50 -14.74
CA CYS A 42 4.61 -10.85 -14.24
C CYS A 42 5.98 -11.32 -13.72
N SER A 43 6.34 -10.83 -12.54
CA SER A 43 7.60 -11.18 -11.90
C SER A 43 7.54 -10.82 -10.43
N LEU A 44 8.32 -11.56 -9.62
CA LEU A 44 8.41 -11.23 -8.21
C LEU A 44 8.91 -9.81 -8.01
N THR A 45 9.82 -9.36 -8.88
CA THR A 45 10.37 -8.01 -8.76
C THR A 45 9.30 -6.92 -8.86
N THR A 46 8.40 -7.03 -9.86
CA THR A 46 7.33 -6.04 -9.92
C THR A 46 6.27 -6.28 -8.85
N PHE A 47 6.06 -7.54 -8.46
CA PHE A 47 5.16 -7.85 -7.35
C PHE A 47 5.59 -7.13 -6.06
N TYR A 48 6.88 -7.24 -5.69
CA TYR A 48 7.34 -6.61 -4.45
C TYR A 48 7.19 -5.10 -4.51
N VAL A 49 7.59 -4.50 -5.63
CA VAL A 49 7.55 -3.05 -5.75
C VAL A 49 6.14 -2.52 -5.46
N ARG A 50 5.11 -3.27 -5.88
CA ARG A 50 3.75 -2.78 -5.75
C ARG A 50 3.10 -3.14 -4.42
N VAL A 51 3.41 -4.29 -3.83
CA VAL A 51 2.62 -4.77 -2.69
C VAL A 51 3.35 -4.71 -1.36
N GLU A 52 4.67 -4.50 -1.34
CA GLU A 52 5.44 -4.97 -0.19
C GLU A 52 5.25 -4.15 1.08
N GLN A 53 4.72 -2.92 0.99
CA GLN A 53 4.46 -2.14 2.21
C GLN A 53 3.00 -2.20 2.68
N HIS A 54 2.14 -3.00 2.03
CA HIS A 54 0.74 -3.14 2.47
C HIS A 54 0.59 -4.28 3.47
N GLU A 55 -0.26 -4.07 4.47
CA GLU A 55 -0.66 -5.21 5.31
C GLU A 55 -2.03 -4.92 5.92
N PRO A 56 -2.86 -5.94 6.09
CA PRO A 56 -2.70 -7.31 5.57
C PRO A 56 -2.98 -7.34 4.07
N THR A 57 -2.83 -8.49 3.42
CA THR A 57 -3.17 -8.59 2.00
C THR A 57 -3.92 -9.89 1.74
N LEU A 58 -4.60 -9.92 0.60
CA LEU A 58 -5.36 -11.08 0.18
C LEU A 58 -4.83 -11.50 -1.19
N LEU A 59 -4.33 -12.72 -1.27
CA LEU A 59 -3.71 -13.23 -2.48
C LEU A 59 -4.67 -14.23 -3.12
N MET A 60 -4.96 -14.06 -4.42
CA MET A 60 -5.89 -14.91 -5.14
C MET A 60 -5.24 -15.43 -6.41
N ILE A 61 -5.21 -16.76 -6.56
CA ILE A 61 -4.60 -17.41 -7.70
C ILE A 61 -5.70 -18.08 -8.52
N LYS A 62 -5.70 -17.82 -9.82
CA LYS A 62 -6.54 -18.54 -10.78
C LYS A 62 -5.61 -19.36 -11.68
N THR A 63 -5.72 -20.68 -11.62
CA THR A 63 -4.89 -21.55 -12.43
C THR A 63 -5.47 -21.75 -13.83
N CYS A 64 -4.61 -22.19 -14.76
CA CYS A 64 -5.08 -22.53 -16.10
C CYS A 64 -6.02 -23.72 -16.09
N ASN A 65 -6.01 -24.51 -15.03
CA ASN A 65 -6.93 -25.62 -14.81
C ASN A 65 -8.22 -25.20 -14.09
N ASN A 66 -8.49 -23.89 -14.03
CA ASN A 66 -9.73 -23.30 -13.49
C ASN A 66 -9.90 -23.56 -11.98
N GLU A 67 -8.84 -23.89 -11.26
CA GLU A 67 -8.87 -23.90 -9.81
C GLU A 67 -8.60 -22.50 -9.27
N VAL A 68 -9.21 -22.18 -8.13
CA VAL A 68 -9.13 -20.85 -7.53
C VAL A 68 -8.85 -21.04 -6.05
N PHE A 69 -7.75 -20.46 -5.58
CA PHE A 69 -7.34 -20.56 -4.18
C PHE A 69 -6.38 -19.41 -3.88
N GLY A 70 -5.95 -19.32 -2.62
CA GLY A 70 -5.12 -18.20 -2.23
C GLY A 70 -4.89 -18.17 -0.74
N ALA A 71 -4.56 -16.97 -0.24
CA ALA A 71 -4.27 -16.83 1.18
C ALA A 71 -4.50 -15.40 1.65
N TYR A 72 -4.98 -15.27 2.87
CA TYR A 72 -4.94 -14.02 3.60
C TYR A 72 -3.59 -13.94 4.31
N CYS A 73 -2.82 -12.90 4.03
CA CYS A 73 -1.48 -12.75 4.58
C CYS A 73 -1.45 -11.63 5.61
N SER A 74 -1.02 -11.95 6.83
CA SER A 74 -1.09 -10.98 7.91
C SER A 74 -0.07 -9.84 7.80
N SER A 75 1.07 -10.03 7.14
CA SER A 75 2.20 -9.12 7.32
C SER A 75 2.72 -8.62 5.98
N ARG A 76 3.42 -7.48 6.01
CA ARG A 76 3.93 -6.94 4.76
C ARG A 76 5.04 -7.82 4.19
N TRP A 77 5.04 -7.98 2.87
CA TRP A 77 6.09 -8.79 2.25
C TRP A 77 7.45 -8.12 2.41
N PHE A 78 7.48 -6.81 2.69
CA PHE A 78 8.72 -6.13 3.03
C PHE A 78 9.49 -6.85 4.13
N GLU A 79 8.80 -7.53 5.03
CA GLU A 79 9.46 -8.19 6.16
C GLU A 79 10.18 -9.48 5.77
N ARG A 80 10.16 -9.87 4.50
CA ARG A 80 10.86 -11.09 4.09
C ARG A 80 12.36 -11.01 4.36
N ASN A 81 12.93 -9.81 4.53
CA ASN A 81 14.36 -9.63 4.64
C ASN A 81 14.82 -9.32 6.06
N VAL A 82 13.91 -9.39 7.04
CA VAL A 82 14.26 -9.10 8.42
C VAL A 82 15.30 -10.10 8.91
N LYS A 83 16.32 -9.61 9.62
CA LYS A 83 17.33 -10.45 10.23
C LYS A 83 17.08 -10.56 11.74
N ASP A 84 17.42 -11.73 12.31
CA ASP A 84 17.37 -11.90 13.77
C ASP A 84 18.54 -11.18 14.44
N ASP A 85 18.78 -11.47 15.72
CA ASP A 85 19.82 -10.76 16.46
C ASP A 85 21.23 -11.27 16.16
N LYS A 86 21.37 -12.50 15.66
CA LYS A 86 22.64 -12.98 15.12
C LYS A 86 22.96 -12.37 13.76
N GLY A 87 22.05 -11.60 13.18
CA GLY A 87 22.24 -11.12 11.82
C GLY A 87 21.93 -12.14 10.76
N GLN A 88 21.22 -13.22 11.10
CA GLN A 88 20.82 -14.21 10.13
C GLN A 88 19.43 -13.88 9.60
N ARG A 89 19.30 -13.84 8.28
CA ARG A 89 18.00 -13.56 7.67
C ARG A 89 16.97 -14.60 8.11
N GLN A 90 15.79 -14.14 8.49
CA GLN A 90 14.72 -15.03 8.91
C GLN A 90 13.96 -15.53 7.68
N ALA A 91 13.85 -16.84 7.54
CA ALA A 91 13.11 -17.40 6.41
C ALA A 91 11.63 -17.06 6.50
N TYR A 92 10.96 -17.54 7.55
CA TYR A 92 9.51 -17.44 7.68
C TYR A 92 9.13 -16.29 8.60
N PHE A 93 8.05 -15.59 8.23
CA PHE A 93 7.56 -14.48 9.04
C PHE A 93 6.02 -14.48 8.99
N GLY A 94 5.41 -13.60 9.77
CA GLY A 94 3.96 -13.46 9.79
C GLY A 94 3.35 -13.85 11.13
N THR A 95 2.02 -13.72 11.20
CA THR A 95 1.29 -14.07 12.42
C THR A 95 0.23 -15.13 12.13
N GLY A 96 -0.34 -15.65 13.22
CA GLY A 96 -1.37 -16.67 13.19
C GLY A 96 -2.71 -16.24 12.62
N GLU A 97 -2.88 -14.97 12.24
CA GLU A 97 -4.08 -14.56 11.50
C GLU A 97 -4.01 -14.95 10.03
N THR A 98 -2.82 -15.29 9.52
CA THR A 98 -2.67 -15.78 8.16
C THR A 98 -3.48 -17.07 7.99
N PHE A 99 -4.16 -17.22 6.85
CA PHE A 99 -4.88 -18.47 6.60
C PHE A 99 -4.92 -18.72 5.11
N LEU A 100 -5.08 -20.00 4.75
CA LEU A 100 -5.28 -20.42 3.37
C LEU A 100 -6.77 -20.61 3.09
N PHE A 101 -7.12 -20.51 1.82
CA PHE A 101 -8.47 -20.81 1.37
C PHE A 101 -8.40 -21.42 -0.01
N SER A 102 -9.47 -22.12 -0.38
CA SER A 102 -9.73 -22.50 -1.76
C SER A 102 -11.18 -22.19 -2.08
N LEU A 103 -11.43 -21.76 -3.32
CA LEU A 103 -12.78 -21.51 -3.79
C LEU A 103 -13.26 -22.55 -4.80
N TYR A 104 -12.38 -23.08 -5.64
CA TYR A 104 -12.67 -24.12 -6.62
C TYR A 104 -11.46 -25.04 -6.73
N PRO A 105 -11.66 -26.35 -6.94
CA PRO A 105 -12.97 -27.02 -7.06
C PRO A 105 -13.67 -27.12 -5.71
N GLU A 106 -12.91 -27.42 -4.66
CA GLU A 106 -13.42 -27.43 -3.30
C GLU A 106 -13.52 -26.00 -2.77
N ARG A 107 -14.19 -25.85 -1.63
CA ARG A 107 -14.34 -24.55 -0.98
C ARG A 107 -14.11 -24.76 0.51
N ALA A 108 -13.01 -24.24 1.03
CA ALA A 108 -12.65 -24.47 2.42
C ALA A 108 -11.73 -23.36 2.91
N LYS A 109 -11.70 -23.20 4.24
CA LYS A 109 -10.79 -22.27 4.90
C LYS A 109 -9.89 -23.08 5.82
N TYR A 110 -8.58 -22.93 5.65
CA TYR A 110 -7.64 -23.62 6.53
C TYR A 110 -6.95 -22.60 7.43
N PRO A 111 -7.44 -22.41 8.66
CA PRO A 111 -6.77 -21.52 9.60
C PRO A 111 -5.51 -22.14 10.17
N TRP A 112 -4.77 -21.33 10.92
CA TRP A 112 -3.60 -21.80 11.63
C TRP A 112 -4.01 -22.86 12.66
N VAL A 113 -3.25 -23.95 12.73
CA VAL A 113 -3.59 -25.04 13.64
C VAL A 113 -3.44 -24.67 15.11
N GLY A 114 -2.76 -23.56 15.41
CA GLY A 114 -2.63 -23.10 16.77
C GLY A 114 -3.71 -22.16 17.27
N ILE A 115 -4.75 -21.93 16.46
CA ILE A 115 -5.85 -21.06 16.87
C ILE A 115 -6.55 -21.63 18.11
N GLU A 116 -6.67 -22.95 18.18
CA GLU A 116 -7.33 -23.62 19.31
C GLU A 116 -6.76 -23.19 20.67
N LEU A 121 2.26 -25.97 20.59
CA LEU A 121 2.85 -26.83 19.56
C LEU A 121 4.26 -26.35 19.18
N GLY A 122 4.83 -26.98 18.14
CA GLY A 122 6.22 -26.76 17.79
C GLY A 122 6.46 -25.66 16.76
N HIS A 123 7.75 -25.35 16.57
CA HIS A 123 8.17 -24.28 15.65
C HIS A 123 7.67 -24.54 14.24
N SER A 124 7.64 -25.80 13.82
CA SER A 124 7.32 -26.18 12.46
C SER A 124 5.83 -26.10 12.15
N SER A 125 4.98 -25.81 13.12
CA SER A 125 3.57 -25.56 12.84
C SER A 125 3.25 -24.06 12.87
N GLU A 126 4.26 -23.20 12.82
CA GLU A 126 4.12 -21.74 12.91
C GLU A 126 4.87 -21.04 11.78
N LEU A 127 4.77 -21.57 10.56
CA LEU A 127 5.54 -21.10 9.40
C LEU A 127 4.57 -20.55 8.37
N PHE A 128 4.46 -19.22 8.31
CA PHE A 128 3.37 -18.58 7.58
C PHE A 128 3.77 -18.09 6.19
N MET A 129 4.74 -17.18 6.10
CA MET A 129 5.12 -16.54 4.84
C MET A 129 6.64 -16.57 4.70
N ALA A 130 7.10 -16.72 3.46
CA ALA A 130 8.53 -16.61 3.13
C ALA A 130 8.66 -16.17 1.68
N ALA A 131 9.70 -15.38 1.38
CA ALA A 131 9.84 -14.84 0.03
C ALA A 131 11.27 -14.39 -0.22
N ASP A 132 11.74 -14.58 -1.44
CA ASP A 132 13.05 -14.05 -1.83
C ASP A 132 13.01 -13.77 -3.33
N SER A 133 14.19 -13.72 -3.97
CA SER A 133 14.21 -13.37 -5.39
C SER A 133 13.84 -14.55 -6.29
N LYS A 134 13.80 -15.77 -5.76
CA LYS A 134 13.48 -16.94 -6.56
C LYS A 134 12.07 -17.45 -6.35
N MET A 135 11.45 -17.17 -5.20
CA MET A 135 10.15 -17.78 -4.91
C MET A 135 9.41 -16.98 -3.85
N ILE A 136 8.10 -17.20 -3.83
CA ILE A 136 7.22 -16.76 -2.77
C ILE A 136 6.44 -17.97 -2.31
N THR A 137 6.33 -18.17 -0.99
CA THR A 137 5.67 -19.35 -0.47
C THR A 137 4.84 -18.98 0.76
N ILE A 138 3.79 -19.76 0.99
CA ILE A 138 2.88 -19.56 2.13
C ILE A 138 2.54 -20.93 2.72
N GLY A 139 2.70 -21.07 4.03
CA GLY A 139 2.37 -22.32 4.69
C GLY A 139 3.49 -23.35 4.59
N GLY A 140 4.28 -23.48 5.65
CA GLY A 140 5.43 -24.34 5.65
C GLY A 140 5.38 -25.40 6.74
N GLY A 141 6.45 -26.20 6.78
CA GLY A 141 6.54 -27.30 7.73
C GLY A 141 6.23 -28.62 7.07
N GLU A 142 7.26 -29.34 6.61
CA GLU A 142 7.13 -30.64 5.97
C GLU A 142 6.24 -30.56 4.73
N GLY A 143 6.55 -29.59 3.87
CA GLY A 143 5.73 -29.25 2.73
C GLY A 143 5.44 -27.78 2.67
N GLN A 144 4.98 -27.34 1.50
CA GLN A 144 4.67 -25.94 1.25
C GLN A 144 3.28 -25.84 0.65
N ALA A 145 2.38 -25.15 1.36
CA ALA A 145 0.99 -25.08 0.94
C ALA A 145 0.84 -24.37 -0.41
N ILE A 146 1.49 -23.22 -0.56
CA ILE A 146 1.53 -22.51 -1.84
C ILE A 146 2.99 -22.14 -2.12
N TRP A 147 3.44 -22.40 -3.34
CA TRP A 147 4.80 -22.09 -3.76
C TRP A 147 4.72 -21.59 -5.19
N MET A 148 5.40 -20.50 -5.49
CA MET A 148 5.36 -19.90 -6.83
C MET A 148 6.74 -19.40 -7.21
N ASP A 149 7.04 -19.44 -8.49
CA ASP A 149 8.39 -19.13 -8.96
C ASP A 149 8.53 -17.64 -9.28
N GLU A 150 9.76 -17.24 -9.62
CA GLU A 150 10.10 -15.84 -9.79
C GLU A 150 9.44 -15.20 -10.99
N ASN A 151 8.85 -15.98 -11.89
CA ASN A 151 8.15 -15.46 -13.04
C ASN A 151 6.64 -15.43 -12.85
N ILE A 152 6.16 -15.90 -11.69
CA ILE A 152 4.73 -16.03 -11.38
C ILE A 152 4.04 -16.77 -12.51
N ARG A 153 4.72 -17.78 -13.04
CA ARG A 153 4.17 -18.60 -14.11
C ARG A 153 3.82 -20.01 -13.63
N PHE A 154 4.73 -20.69 -12.91
CA PHE A 154 4.47 -22.02 -12.41
C PHE A 154 4.54 -22.04 -10.89
N GLY A 155 3.82 -23.00 -10.29
CA GLY A 155 3.77 -23.11 -8.85
C GLY A 155 3.41 -24.52 -8.43
N LYS A 156 3.50 -24.76 -7.12
CA LYS A 156 3.21 -26.06 -6.55
C LYS A 156 2.36 -25.88 -5.31
N THR A 157 1.72 -26.96 -4.90
CA THR A 157 0.95 -26.94 -3.66
C THR A 157 1.01 -28.32 -3.01
N ASP A 158 1.14 -28.32 -1.69
CA ASP A 158 1.38 -29.53 -0.92
C ASP A 158 0.69 -29.36 0.42
N SER A 159 0.55 -30.45 1.16
CA SER A 159 0.14 -30.33 2.54
C SER A 159 1.28 -29.74 3.37
N CYS A 160 0.92 -28.91 4.34
CA CYS A 160 1.89 -28.35 5.27
C CYS A 160 1.35 -28.47 6.69
N LYS A 161 2.26 -28.46 7.66
CA LYS A 161 1.87 -28.62 9.06
C LYS A 161 1.37 -27.35 9.72
N THR A 162 1.68 -26.18 9.17
CA THR A 162 1.15 -24.97 9.78
C THR A 162 -0.37 -24.88 9.59
N PHE A 163 -0.88 -25.36 8.46
CA PHE A 163 -2.30 -25.26 8.16
C PHE A 163 -3.01 -26.60 8.00
N ASN A 164 -2.29 -27.73 8.00
CA ASN A 164 -2.86 -29.07 7.89
C ASN A 164 -3.87 -29.18 6.75
N ASN A 165 -3.48 -28.65 5.60
CA ASN A 165 -4.32 -28.58 4.43
C ASN A 165 -4.03 -29.74 3.49
N PRO A 166 -4.96 -30.04 2.58
CA PRO A 166 -4.61 -30.88 1.43
C PRO A 166 -4.09 -30.01 0.30
N PRO A 167 -3.44 -30.59 -0.70
CA PRO A 167 -3.15 -29.82 -1.92
C PRO A 167 -4.39 -29.09 -2.40
N LEU A 168 -4.26 -27.79 -2.62
CA LEU A 168 -5.41 -26.94 -2.93
C LEU A 168 -5.88 -27.10 -4.37
N CYS A 169 -5.19 -27.88 -5.18
CA CYS A 169 -5.72 -28.44 -6.41
C CYS A 169 -5.29 -29.90 -6.46
N PRO A 170 -6.04 -30.74 -7.18
CA PRO A 170 -5.75 -32.20 -7.13
C PRO A 170 -4.33 -32.55 -7.54
N SER A 171 -3.89 -32.14 -8.73
CA SER A 171 -2.48 -32.22 -9.07
C SER A 171 -1.66 -31.33 -8.14
N GLY A 172 -0.44 -31.77 -7.83
CA GLY A 172 0.38 -30.98 -6.91
C GLY A 172 0.96 -29.70 -7.47
N ASP A 173 0.81 -29.46 -8.77
CA ASP A 173 1.38 -28.32 -9.48
C ASP A 173 0.28 -27.53 -10.17
N PHE A 174 0.65 -26.36 -10.69
CA PHE A 174 -0.29 -25.55 -11.44
C PHE A 174 0.47 -24.52 -12.23
N GLU A 175 -0.19 -24.00 -13.26
CA GLU A 175 0.24 -22.82 -13.98
C GLU A 175 -0.73 -21.70 -13.67
N ILE A 176 -0.19 -20.50 -13.48
CA ILE A 176 -0.98 -19.35 -13.05
C ILE A 176 -1.55 -18.67 -14.28
N ARG A 177 -2.89 -18.63 -14.37
CA ARG A 177 -3.53 -17.83 -15.40
C ARG A 177 -3.55 -16.36 -15.01
N VAL A 178 -3.96 -16.06 -13.79
CA VAL A 178 -3.90 -14.70 -13.28
C VAL A 178 -3.69 -14.77 -11.77
N LEU A 179 -2.84 -13.87 -11.27
CA LEU A 179 -2.66 -13.67 -9.85
C LEU A 179 -3.10 -12.25 -9.50
N GLU A 180 -3.83 -12.12 -8.39
CA GLU A 180 -4.31 -10.83 -7.90
C GLU A 180 -3.96 -10.69 -6.43
N VAL A 181 -3.56 -9.47 -6.02
CA VAL A 181 -3.31 -9.14 -4.64
C VAL A 181 -4.13 -7.91 -4.27
N TYR A 182 -4.89 -7.99 -3.17
CA TYR A 182 -5.68 -6.89 -2.65
C TYR A 182 -5.10 -6.41 -1.34
N GLY A 183 -5.15 -5.09 -1.12
CA GLY A 183 -4.95 -4.50 0.18
C GLY A 183 -6.23 -3.93 0.75
N PHE A 184 -6.09 -3.18 1.84
CA PHE A 184 -7.24 -2.62 2.53
C PHE A 184 -6.96 -1.19 2.95
N VAL A 185 -7.89 -0.28 2.65
CA VAL A 185 -7.71 1.12 2.99
C VAL A 185 -8.89 1.58 3.84
N GLY A 186 -8.66 2.65 4.61
CA GLY A 186 -9.75 3.31 5.31
C GLY A 186 -9.53 3.58 6.79
N ILE A 187 -8.28 3.77 7.21
CA ILE A 187 -7.95 4.05 8.60
C ILE A 187 -8.76 5.22 9.18
N GLN B 13 15.54 17.74 14.72
CA GLN B 13 14.70 16.55 14.63
C GLN B 13 13.26 16.90 14.23
N PHE B 14 12.68 16.08 13.35
CA PHE B 14 11.39 16.41 12.74
C PHE B 14 10.24 15.51 13.15
N LEU B 15 10.50 14.25 13.48
CA LEU B 15 9.41 13.27 13.56
C LEU B 15 8.44 13.57 14.71
N PHE B 16 8.92 14.09 15.85
CA PHE B 16 7.99 14.39 16.94
C PHE B 16 7.11 15.59 16.62
N THR B 17 7.67 16.62 15.99
CA THR B 17 6.85 17.72 15.48
C THR B 17 5.75 17.18 14.56
N LEU B 18 6.14 16.39 13.55
CA LEU B 18 5.16 15.84 12.63
C LEU B 18 4.10 15.04 13.37
N TRP B 19 4.52 14.25 14.35
CA TRP B 19 3.58 13.39 15.06
C TRP B 19 2.53 14.19 15.81
N SER B 20 2.92 15.35 16.35
CA SER B 20 1.92 16.18 17.03
C SER B 20 0.91 16.81 16.07
N TRP B 21 1.20 16.83 14.76
CA TRP B 21 0.27 17.44 13.80
C TRP B 21 -0.71 16.45 13.20
N LEU B 22 -0.37 15.16 13.23
CA LEU B 22 -1.20 14.13 12.60
C LEU B 22 -2.57 14.08 13.29
N PRO B 23 -3.61 13.69 12.55
CA PRO B 23 -4.87 13.33 13.21
C PRO B 23 -4.60 12.29 14.29
N VAL B 24 -5.32 12.38 15.41
CA VAL B 24 -4.90 11.67 16.61
C VAL B 24 -4.95 10.16 16.40
N ARG B 25 -5.97 9.66 15.69
CA ARG B 25 -6.06 8.22 15.47
C ARG B 25 -4.89 7.68 14.65
N ILE B 26 -4.22 8.53 13.85
CA ILE B 26 -3.10 8.03 13.06
C ILE B 26 -1.87 7.80 13.92
N THR B 27 -1.76 8.51 15.05
CA THR B 27 -0.57 8.45 15.89
C THR B 27 -0.35 7.08 16.52
N MET B 28 -1.35 6.21 16.49
CA MET B 28 -1.24 4.84 17.00
C MET B 28 -0.61 3.87 16.01
N TYR B 29 -0.38 4.29 14.77
CA TYR B 29 0.06 3.35 13.74
C TYR B 29 1.57 3.42 13.50
N GLN B 30 2.04 2.52 12.64
CA GLN B 30 3.46 2.35 12.39
C GLN B 30 3.82 2.98 11.06
N PRO B 31 4.74 3.96 11.01
CA PRO B 31 5.12 4.56 9.73
C PRO B 31 6.04 3.65 8.94
N VAL B 32 5.88 3.67 7.61
CA VAL B 32 6.69 2.87 6.68
C VAL B 32 7.11 3.77 5.54
N LEU B 33 8.32 3.56 5.02
CA LEU B 33 8.81 4.32 3.88
C LEU B 33 8.28 3.70 2.60
N LEU B 34 7.50 4.45 1.84
CA LEU B 34 6.95 3.91 0.60
C LEU B 34 7.81 4.26 -0.60
N TYR B 35 8.45 5.43 -0.58
CA TYR B 35 9.16 5.88 -1.77
C TYR B 35 10.21 6.91 -1.36
N THR B 36 11.41 6.80 -1.94
CA THR B 36 12.42 7.83 -1.76
C THR B 36 13.18 8.03 -3.07
N THR B 37 13.41 9.28 -3.45
CA THR B 37 14.14 9.55 -4.68
C THR B 37 15.59 9.09 -4.61
N GLU B 38 16.13 8.89 -3.42
CA GLU B 38 17.49 8.39 -3.26
C GLU B 38 17.63 6.92 -3.63
N GLU B 39 16.54 6.17 -3.76
CA GLU B 39 16.65 4.74 -4.03
C GLU B 39 15.72 4.21 -5.11
N HIS B 40 14.53 4.78 -5.32
CA HIS B 40 13.48 4.09 -6.04
C HIS B 40 13.28 4.59 -7.47
N GLY B 41 14.13 5.48 -7.94
CA GLY B 41 13.88 6.19 -9.17
C GLY B 41 13.50 7.62 -8.86
N CYS B 42 13.31 8.40 -9.91
CA CYS B 42 13.01 9.80 -9.67
C CYS B 42 12.09 10.27 -10.82
N SER B 43 10.82 9.91 -10.70
CA SER B 43 9.80 10.24 -11.71
C SER B 43 8.43 9.91 -11.14
N LEU B 44 7.42 10.63 -11.62
CA LEU B 44 6.06 10.35 -11.18
C LEU B 44 5.65 8.93 -11.51
N THR B 45 6.12 8.40 -12.64
CA THR B 45 5.79 7.01 -12.98
C THR B 45 6.18 6.05 -11.86
N THR B 46 7.41 6.17 -11.35
CA THR B 46 7.82 5.24 -10.29
C THR B 46 7.22 5.63 -8.94
N PHE B 47 7.03 6.93 -8.70
CA PHE B 47 6.28 7.40 -7.54
C PHE B 47 4.93 6.70 -7.44
N TYR B 48 4.11 6.80 -8.50
CA TYR B 48 2.75 6.24 -8.45
C TYR B 48 2.78 4.74 -8.22
N VAL B 49 3.69 4.03 -8.88
CA VAL B 49 3.72 2.57 -8.77
C VAL B 49 3.88 2.15 -7.31
N ARG B 50 4.72 2.86 -6.56
CA ARG B 50 4.98 2.45 -5.19
C ARG B 50 3.98 3.02 -4.19
N VAL B 51 3.43 4.23 -4.41
CA VAL B 51 2.64 4.89 -3.36
C VAL B 51 1.14 4.92 -3.62
N GLU B 52 0.66 4.62 -4.84
CA GLU B 52 -0.68 5.12 -5.19
C GLU B 52 -1.83 4.41 -4.47
N GLN B 53 -1.61 3.27 -3.83
CA GLN B 53 -2.71 2.60 -3.13
C GLN B 53 -2.65 2.76 -1.61
N HIS B 54 -1.76 3.60 -1.11
CA HIS B 54 -1.66 3.84 0.33
C HIS B 54 -2.43 5.11 0.69
N GLU B 55 -3.08 5.07 1.85
CA GLU B 55 -3.61 6.31 2.43
C GLU B 55 -3.76 6.09 3.92
N PRO B 56 -3.55 7.12 4.74
CA PRO B 56 -3.07 8.44 4.33
C PRO B 56 -1.56 8.37 4.06
N THR B 57 -0.94 9.43 3.52
CA THR B 57 0.51 9.44 3.37
C THR B 57 1.09 10.78 3.84
N LEU B 58 2.39 10.75 4.10
CA LEU B 58 3.16 11.93 4.49
C LEU B 58 4.21 12.15 3.43
N LEU B 59 4.16 13.30 2.76
CA LEU B 59 5.08 13.67 1.69
C LEU B 59 6.09 14.66 2.24
N MET B 60 7.38 14.34 2.12
CA MET B 60 8.48 15.12 2.67
C MET B 60 9.38 15.63 1.55
N ILE B 61 9.61 16.94 1.49
CA ILE B 61 10.46 17.53 0.46
C ILE B 61 11.63 18.24 1.12
N LYS B 62 12.84 17.92 0.66
CA LYS B 62 14.07 18.63 1.04
C LYS B 62 14.61 19.30 -0.21
N THR B 63 14.70 20.64 -0.19
CA THR B 63 15.17 21.34 -1.39
C THR B 63 16.70 21.47 -1.40
N CYS B 64 17.22 22.01 -2.49
CA CYS B 64 18.66 22.25 -2.62
C CYS B 64 19.12 23.50 -1.89
N ASN B 65 18.22 24.39 -1.48
CA ASN B 65 18.55 25.45 -0.54
C ASN B 65 18.33 25.01 0.91
N ASN B 66 18.25 23.71 1.15
CA ASN B 66 18.11 23.13 2.49
C ASN B 66 16.86 23.65 3.21
N GLU B 67 15.76 23.70 2.48
CA GLU B 67 14.44 23.87 3.08
C GLU B 67 13.73 22.52 3.12
N VAL B 68 12.90 22.33 4.14
CA VAL B 68 12.15 21.10 4.34
C VAL B 68 10.69 21.47 4.56
N PHE B 69 9.81 20.93 3.73
CA PHE B 69 8.38 21.16 3.86
C PHE B 69 7.65 19.97 3.25
N GLY B 70 6.32 19.95 3.41
CA GLY B 70 5.58 18.87 2.77
C GLY B 70 4.09 18.94 3.01
N ALA B 71 3.44 17.77 3.02
CA ALA B 71 2.00 17.68 3.17
C ALA B 71 1.62 16.32 3.73
N TYR B 72 0.60 16.33 4.57
CA TYR B 72 -0.15 15.13 4.94
C TYR B 72 -1.32 15.00 3.97
N CYS B 73 -1.37 13.88 3.24
CA CYS B 73 -2.37 13.65 2.19
C CYS B 73 -3.37 12.62 2.68
N SER B 74 -4.66 13.01 2.66
CA SER B 74 -5.72 12.15 3.17
C SER B 74 -6.00 10.95 2.29
N SER B 75 -5.80 11.05 0.97
CA SER B 75 -6.37 10.07 0.05
C SER B 75 -5.32 9.45 -0.85
N ARG B 76 -5.65 8.27 -1.39
CA ARG B 76 -4.78 7.56 -2.34
C ARG B 76 -4.53 8.41 -3.57
N TRP B 77 -3.27 8.46 -4.02
CA TRP B 77 -3.00 9.09 -5.31
C TRP B 77 -3.68 8.36 -6.46
N PHE B 78 -4.06 7.09 -6.27
CA PHE B 78 -4.82 6.36 -7.28
C PHE B 78 -6.11 7.09 -7.66
N GLU B 79 -6.68 7.86 -6.72
CA GLU B 79 -7.94 8.54 -6.99
C GLU B 79 -7.80 9.65 -8.02
N ARG B 80 -6.58 9.96 -8.46
CA ARG B 80 -6.42 10.95 -9.53
C ARG B 80 -7.10 10.52 -10.83
N ASN B 81 -7.43 9.22 -10.96
CA ASN B 81 -7.91 8.65 -12.20
C ASN B 81 -9.34 8.10 -12.07
N VAL B 82 -10.12 8.67 -11.16
CA VAL B 82 -11.52 8.28 -10.97
C VAL B 82 -12.39 9.45 -11.40
N LYS B 83 -13.52 9.14 -12.03
CA LYS B 83 -14.32 10.16 -12.69
C LYS B 83 -15.66 10.35 -11.98
N ASP B 84 -16.17 11.59 -12.05
CA ASP B 84 -17.38 12.03 -11.38
C ASP B 84 -18.60 11.18 -11.73
N GLN B 90 -12.11 14.39 -12.94
CA GLN B 90 -12.07 14.96 -11.59
C GLN B 90 -10.83 15.85 -11.39
N ALA B 91 -11.07 17.13 -11.12
CA ALA B 91 -9.98 18.11 -11.07
C ALA B 91 -9.14 17.91 -9.82
N TYR B 92 -9.78 17.90 -8.66
CA TYR B 92 -9.14 17.79 -7.35
C TYR B 92 -9.86 16.72 -6.57
N PHE B 93 -9.14 16.06 -5.66
CA PHE B 93 -9.72 15.03 -4.79
C PHE B 93 -9.12 15.18 -3.39
N GLY B 94 -9.54 14.33 -2.47
CA GLY B 94 -9.00 14.33 -1.12
C GLY B 94 -10.01 14.91 -0.13
N THR B 95 -9.60 14.94 1.14
CA THR B 95 -10.50 15.41 2.19
C THR B 95 -9.83 16.52 3.00
N GLY B 96 -10.63 17.11 3.89
CA GLY B 96 -10.22 18.21 4.72
C GLY B 96 -9.25 17.86 5.82
N GLU B 97 -8.89 16.57 5.96
CA GLU B 97 -7.80 16.17 6.84
C GLU B 97 -6.43 16.41 6.21
N THR B 98 -6.37 16.59 4.90
CA THR B 98 -5.11 17.00 4.25
C THR B 98 -4.63 18.32 4.83
N PHE B 99 -3.31 18.44 5.06
CA PHE B 99 -2.74 19.71 5.51
C PHE B 99 -1.32 19.87 4.98
N LEU B 100 -0.86 21.12 4.90
CA LEU B 100 0.51 21.46 4.53
C LEU B 100 1.32 21.73 5.79
N PHE B 101 2.64 21.66 5.65
CA PHE B 101 3.50 22.03 6.76
C PHE B 101 4.85 22.47 6.20
N SER B 102 5.54 23.29 6.98
CA SER B 102 6.97 23.48 6.79
C SER B 102 7.69 23.05 8.05
N LEU B 103 8.89 22.52 7.90
CA LEU B 103 9.67 22.12 9.05
C LEU B 103 10.92 22.96 9.26
N TYR B 104 11.51 23.48 8.18
CA TYR B 104 12.76 24.23 8.23
C TYR B 104 12.91 25.09 6.98
N PRO B 105 13.20 26.39 7.11
CA PRO B 105 13.62 27.07 8.35
C PRO B 105 12.56 27.36 9.41
N GLU B 106 11.26 27.40 9.08
CA GLU B 106 10.24 27.61 10.08
C GLU B 106 9.34 26.39 10.20
N ARG B 107 8.83 26.14 11.42
CA ARG B 107 7.94 25.04 11.72
C ARG B 107 6.52 25.59 11.75
N ALA B 108 5.65 25.08 10.87
CA ALA B 108 4.29 25.59 10.78
C ALA B 108 3.40 24.54 10.15
N LYS B 109 2.22 24.33 10.73
CA LYS B 109 1.17 23.53 10.15
C LYS B 109 0.10 24.44 9.55
N TYR B 110 -0.33 24.16 8.33
CA TYR B 110 -1.41 24.90 7.69
C TYR B 110 -2.61 24.00 7.47
N PRO B 111 -3.57 23.97 8.37
CA PRO B 111 -4.75 23.13 8.16
C PRO B 111 -5.68 23.77 7.13
N TRP B 112 -6.60 22.95 6.63
CA TRP B 112 -7.67 23.43 5.76
C TRP B 112 -8.46 24.53 6.47
N VAL B 113 -8.72 25.63 5.74
CA VAL B 113 -9.45 26.75 6.35
C VAL B 113 -10.86 26.39 6.75
N GLY B 114 -11.39 25.28 6.25
CA GLY B 114 -12.72 24.83 6.61
C GLY B 114 -12.84 24.08 7.91
N ILE B 115 -11.71 23.80 8.56
CA ILE B 115 -11.74 23.19 9.89
C ILE B 115 -12.49 24.09 10.86
N GLU B 116 -12.11 25.36 10.95
CA GLU B 116 -12.78 26.34 11.81
C GLU B 116 -13.66 27.29 11.00
N ASP B 120 -20.08 26.42 3.81
CA ASP B 120 -19.48 27.48 4.61
C ASP B 120 -18.75 28.49 3.71
N LEU B 121 -17.74 28.01 2.99
CA LEU B 121 -16.97 28.80 2.02
C LEU B 121 -17.16 28.21 0.63
N GLY B 122 -16.46 28.79 -0.35
CA GLY B 122 -16.64 28.39 -1.73
C GLY B 122 -15.97 27.07 -2.09
N HIS B 123 -16.24 26.65 -3.33
CA HIS B 123 -15.60 25.44 -3.85
C HIS B 123 -14.09 25.62 -4.00
N SER B 124 -13.64 26.82 -4.34
CA SER B 124 -12.20 27.11 -4.48
C SER B 124 -11.45 27.09 -3.15
N SER B 125 -12.11 26.79 -2.02
CA SER B 125 -11.43 26.67 -0.73
C SER B 125 -11.33 25.23 -0.24
N GLU B 126 -11.69 24.26 -1.09
CA GLU B 126 -11.71 22.84 -0.75
C GLU B 126 -11.04 22.02 -1.85
N LEU B 127 -9.89 22.48 -2.31
CA LEU B 127 -9.12 21.87 -3.40
C LEU B 127 -7.84 21.27 -2.81
N PHE B 128 -7.82 19.95 -2.62
CA PHE B 128 -6.80 19.34 -1.78
C PHE B 128 -5.64 18.77 -2.58
N MET B 129 -5.89 17.71 -3.37
CA MET B 129 -4.87 17.01 -4.14
C MET B 129 -5.26 16.98 -5.61
N ALA B 130 -4.29 17.09 -6.52
CA ALA B 130 -4.54 16.85 -7.93
C ALA B 130 -3.29 16.26 -8.56
N ALA B 131 -3.46 15.39 -9.57
CA ALA B 131 -2.33 14.68 -10.16
C ALA B 131 -2.69 14.15 -11.54
N ASP B 132 -1.68 14.06 -12.40
CA ASP B 132 -1.76 13.32 -13.65
C ASP B 132 -0.36 12.87 -14.02
N SER B 133 -0.14 12.50 -15.30
CA SER B 133 1.18 11.99 -15.65
C SER B 133 2.22 13.10 -15.76
N LYS B 134 1.81 14.37 -15.79
CA LYS B 134 2.73 15.48 -15.94
C LYS B 134 3.06 16.20 -14.64
N MET B 135 2.24 16.08 -13.61
CA MET B 135 2.46 16.85 -12.40
C MET B 135 1.70 16.23 -11.25
N ILE B 136 2.05 16.65 -10.03
CA ILE B 136 1.26 16.45 -8.83
C ILE B 136 1.20 17.81 -8.14
N THR B 137 0.11 18.06 -7.42
CA THR B 137 0.00 19.33 -6.76
C THR B 137 -0.92 19.16 -5.56
N ILE B 138 -0.69 19.99 -4.55
CA ILE B 138 -1.47 19.94 -3.32
C ILE B 138 -1.85 21.37 -2.98
N GLY B 139 -3.13 21.58 -2.66
CA GLY B 139 -3.57 22.89 -2.26
C GLY B 139 -3.90 23.79 -3.44
N GLY B 140 -5.18 24.05 -3.67
CA GLY B 140 -5.63 24.83 -4.80
C GLY B 140 -6.50 26.03 -4.40
N GLY B 141 -6.95 26.75 -5.43
CA GLY B 141 -7.70 27.96 -5.20
C GLY B 141 -6.79 29.18 -5.26
N GLU B 142 -6.89 29.95 -6.33
CA GLU B 142 -6.08 31.15 -6.50
C GLU B 142 -4.59 30.87 -6.27
N GLY B 143 -4.12 29.74 -6.80
CA GLY B 143 -2.76 29.32 -6.56
C GLY B 143 -2.60 27.82 -6.43
N GLN B 144 -1.34 27.35 -6.43
CA GLN B 144 -0.98 25.96 -6.15
C GLN B 144 0.02 25.95 -5.00
N ALA B 145 -0.37 25.37 -3.86
CA ALA B 145 0.49 25.48 -2.67
C ALA B 145 1.80 24.72 -2.88
N ILE B 146 1.74 23.51 -3.43
CA ILE B 146 2.90 22.74 -3.83
C ILE B 146 2.62 22.21 -5.23
N TRP B 147 3.58 22.38 -6.13
CA TRP B 147 3.49 21.84 -7.48
C TRP B 147 4.84 21.24 -7.85
N MET B 148 4.82 20.08 -8.51
CA MET B 148 6.05 19.40 -8.91
C MET B 148 5.86 18.75 -10.27
N ASP B 149 6.94 18.67 -11.03
CA ASP B 149 6.94 18.17 -12.40
C ASP B 149 7.09 16.65 -12.45
N GLU B 150 7.05 16.12 -13.68
CA GLU B 150 7.07 14.69 -13.95
C GLU B 150 8.41 14.03 -13.65
N ASN B 151 9.48 14.80 -13.51
CA ASN B 151 10.79 14.28 -13.16
C ASN B 151 11.10 14.40 -11.68
N ILE B 152 10.19 14.98 -10.90
CA ILE B 152 10.37 15.27 -9.48
C ILE B 152 11.71 15.98 -9.32
N ARG B 153 11.97 16.95 -10.18
CA ARG B 153 13.17 17.77 -10.09
C ARG B 153 12.84 19.19 -9.64
N PHE B 154 12.08 19.93 -10.44
CA PHE B 154 11.75 21.31 -10.11
C PHE B 154 10.31 21.39 -9.63
N GLY B 155 10.05 22.36 -8.76
CA GLY B 155 8.69 22.59 -8.31
C GLY B 155 8.53 24.03 -7.88
N LYS B 156 7.35 24.35 -7.39
CA LYS B 156 7.12 25.69 -6.90
C LYS B 156 6.14 25.60 -5.76
N THR B 157 6.31 26.47 -4.77
CA THR B 157 5.34 26.61 -3.72
C THR B 157 4.88 28.07 -3.67
N ASP B 158 3.65 28.27 -3.22
CA ASP B 158 2.97 29.57 -3.34
C ASP B 158 1.71 29.48 -2.47
N SER B 159 1.07 30.61 -2.25
CA SER B 159 -0.14 30.64 -1.46
C SER B 159 -1.33 30.04 -2.22
N CYS B 160 -2.35 29.63 -1.47
CA CYS B 160 -3.60 29.17 -2.06
C CYS B 160 -4.73 29.42 -1.08
N LYS B 161 -5.97 29.37 -1.60
CA LYS B 161 -7.13 29.66 -0.78
C LYS B 161 -7.48 28.51 0.16
N THR B 162 -7.20 27.28 -0.24
CA THR B 162 -7.62 26.15 0.56
C THR B 162 -6.89 26.10 1.90
N PHE B 163 -5.64 26.53 1.94
CA PHE B 163 -4.85 26.50 3.16
C PHE B 163 -4.41 27.88 3.65
N ASN B 164 -4.52 28.92 2.81
CA ASN B 164 -4.19 30.30 3.19
C ASN B 164 -2.76 30.43 3.74
N ASN B 165 -1.84 29.71 3.14
CA ASN B 165 -0.43 29.55 3.52
C ASN B 165 0.43 30.57 2.79
N PRO B 166 1.55 31.00 3.38
CA PRO B 166 2.61 31.63 2.59
C PRO B 166 3.32 30.57 1.78
N PRO B 167 4.13 30.95 0.78
CA PRO B 167 5.02 29.98 0.15
C PRO B 167 5.75 29.16 1.22
N LEU B 168 5.82 27.84 1.00
CA LEU B 168 6.30 26.96 2.06
C LEU B 168 7.81 27.04 2.25
N CYS B 169 8.52 27.59 1.27
CA CYS B 169 9.93 27.93 1.41
C CYS B 169 10.12 29.36 0.91
N PRO B 170 11.11 30.08 1.45
CA PRO B 170 11.23 31.52 1.10
C PRO B 170 11.48 31.80 -0.38
N SER B 171 12.03 30.84 -1.13
CA SER B 171 12.46 31.07 -2.50
C SER B 171 11.33 30.95 -3.53
N GLY B 172 10.16 30.42 -3.14
CA GLY B 172 9.08 30.19 -4.08
C GLY B 172 9.32 29.00 -4.97
N ASP B 173 10.22 29.14 -5.94
CA ASP B 173 10.63 27.99 -6.73
C ASP B 173 11.71 27.20 -5.97
N PHE B 174 11.83 25.93 -6.34
CA PHE B 174 12.80 25.06 -5.66
C PHE B 174 13.17 23.94 -6.61
N GLU B 175 14.33 23.35 -6.32
CA GLU B 175 14.76 22.09 -6.90
C GLU B 175 14.75 21.04 -5.79
N ILE B 176 14.27 19.85 -6.12
CA ILE B 176 14.12 18.79 -5.12
C ILE B 176 15.46 18.09 -4.93
N ARG B 177 16.00 18.14 -3.70
CA ARG B 177 17.18 17.33 -3.41
C ARG B 177 16.79 15.90 -3.04
N VAL B 178 15.81 15.74 -2.15
CA VAL B 178 15.28 14.44 -1.80
C VAL B 178 13.77 14.57 -1.61
N LEU B 179 13.00 13.63 -2.17
CA LEU B 179 11.59 13.48 -1.84
C LEU B 179 11.36 12.11 -1.21
N GLU B 180 10.60 12.08 -0.13
CA GLU B 180 10.24 10.85 0.56
C GLU B 180 8.74 10.81 0.81
N VAL B 181 8.17 9.60 0.76
CA VAL B 181 6.74 9.40 1.07
C VAL B 181 6.61 8.26 2.07
N TYR B 182 5.84 8.51 3.13
CA TYR B 182 5.61 7.57 4.21
C TYR B 182 4.15 7.17 4.25
N GLY B 183 3.89 5.91 4.59
CA GLY B 183 2.54 5.42 4.82
C GLY B 183 2.41 4.88 6.22
N PHE B 184 1.28 4.27 6.53
CA PHE B 184 1.04 3.79 7.89
C PHE B 184 0.43 2.40 7.82
N VAL B 185 0.89 1.50 8.71
CA VAL B 185 0.32 0.16 8.79
C VAL B 185 -0.06 -0.15 10.24
N GLY B 186 -0.86 -1.20 10.40
CA GLY B 186 -1.24 -1.72 11.71
C GLY B 186 -2.73 -1.85 11.96
N ILE B 187 -3.55 -1.90 10.91
CA ILE B 187 -4.98 -2.12 11.08
C ILE B 187 -5.25 -3.56 11.54
#